data_3TC2
#
_entry.id   3TC2
#
_cell.length_a   54.822
_cell.length_b   93.920
_cell.length_c   55.442
_cell.angle_alpha   90.00
_cell.angle_beta   100.69
_cell.angle_gamma   90.00
#
_symmetry.space_group_name_H-M   'P 1 21 1'
#
loop_
_entity.id
_entity.type
_entity.pdbx_description
1 polymer 'Kunitz-type proteinase inhibitor P1H5'
2 water water
#
_entity_poly.entity_id   1
_entity_poly.type   'polypeptide(L)'
_entity_poly.pdbx_seq_one_letter_code
;LPSDATPVLDVTGKELDPRLSYRIISTFWGALGGDVYLGKSPNSDAPCANGVFRYNSDVGPSGTPVRFIGSSSHFGQGIF
EDELLNIQFAISTSKMCVSYTIWKVGDYDASLGTMLLETGGTIGQADSSWFKIVKSSQFGYNLLYCPVTTSSDDQFCLKV
GVVHQNGKRRLALVKDNPLDVSFKQVQ
;
_entity_poly.pdbx_strand_id   A,B,C
#
# COMPACT_ATOMS: atom_id res chain seq x y z
N PRO A 2 -29.02 16.97 -23.54
CA PRO A 2 -29.22 15.48 -23.63
C PRO A 2 -28.56 14.79 -24.83
N SER A 3 -27.72 13.79 -24.54
CA SER A 3 -27.02 13.14 -25.64
C SER A 3 -27.05 11.59 -25.45
N ASP A 4 -26.66 10.92 -26.53
CA ASP A 4 -26.32 9.49 -26.59
C ASP A 4 -25.37 9.14 -25.45
N ALA A 5 -25.65 8.04 -24.76
CA ALA A 5 -24.82 7.62 -23.63
C ALA A 5 -23.38 7.41 -24.08
N THR A 6 -22.45 8.17 -23.53
CA THR A 6 -21.01 7.95 -23.84
C THR A 6 -20.41 7.52 -22.54
N PRO A 7 -19.96 6.25 -22.46
CA PRO A 7 -19.43 5.85 -21.17
C PRO A 7 -18.16 6.65 -20.84
N VAL A 8 -17.96 6.98 -19.58
CA VAL A 8 -16.67 7.40 -19.09
C VAL A 8 -15.73 6.22 -19.05
N LEU A 9 -14.48 6.42 -19.43
CA LEU A 9 -13.52 5.37 -19.40
C LEU A 9 -12.46 5.64 -18.31
N ASP A 10 -11.81 4.56 -17.83
CA ASP A 10 -10.62 4.69 -17.01
C ASP A 10 -9.37 4.77 -17.81
N VAL A 11 -8.24 4.81 -17.10
CA VAL A 11 -6.96 4.95 -17.77
C VAL A 11 -6.56 3.81 -18.68
N THR A 12 -7.17 2.64 -18.49
CA THR A 12 -6.98 1.51 -19.35
C THR A 12 -8.00 1.43 -20.53
N GLY A 13 -8.95 2.35 -20.59
CA GLY A 13 -9.89 2.38 -21.69
C GLY A 13 -11.12 1.59 -21.34
N LYS A 14 -11.18 1.08 -20.12
CA LYS A 14 -12.36 0.29 -19.69
C LYS A 14 -13.49 1.18 -19.10
N GLU A 15 -14.73 0.87 -19.37
CA GLU A 15 -15.83 1.73 -18.96
C GLU A 15 -15.90 1.81 -17.44
N LEU A 16 -16.16 3.02 -16.84
CA LEU A 16 -16.29 3.12 -15.39
C LEU A 16 -17.55 2.36 -14.92
N ASP A 17 -17.40 1.70 -13.78
CA ASP A 17 -18.50 0.86 -13.27
C ASP A 17 -18.80 1.43 -11.90
N PRO A 18 -20.07 1.70 -11.58
CA PRO A 18 -20.39 2.13 -10.19
C PRO A 18 -20.13 1.09 -9.11
N ARG A 19 -19.94 -0.16 -9.49
CA ARG A 19 -19.69 -1.24 -8.55
C ARG A 19 -18.21 -1.30 -8.16
N LEU A 20 -17.35 -0.46 -8.74
CA LEU A 20 -15.90 -0.46 -8.51
C LEU A 20 -15.46 0.89 -7.95
N SER A 21 -14.22 0.98 -7.46
CA SER A 21 -13.67 2.24 -6.85
C SER A 21 -12.53 2.69 -7.72
N TYR A 22 -12.20 3.97 -7.71
CA TYR A 22 -11.24 4.56 -8.66
C TYR A 22 -10.53 5.65 -7.87
N ARG A 23 -9.26 5.84 -8.10
CA ARG A 23 -8.60 7.04 -7.73
C ARG A 23 -8.74 8.05 -8.87
N ILE A 24 -8.85 9.31 -8.45
CA ILE A 24 -8.94 10.39 -9.40
C ILE A 24 -7.52 10.90 -9.46
N ILE A 25 -6.90 10.65 -10.62
CA ILE A 25 -5.47 10.90 -10.73
C ILE A 25 -5.17 12.01 -11.77
N SER A 26 -3.97 12.55 -11.71
CA SER A 26 -3.61 13.54 -12.74
C SER A 26 -3.39 13.10 -14.17
N THR A 27 -2.71 11.98 -14.30
CA THR A 27 -1.97 11.71 -15.63
C THR A 27 -1.03 12.89 -16.13
N PHE A 28 -0.28 13.50 -15.22
CA PHE A 28 1.00 14.14 -15.51
C PHE A 28 1.75 13.46 -14.38
N TRP A 29 3.03 13.58 -14.32
CA TRP A 29 3.82 12.95 -13.29
C TRP A 29 4.71 14.02 -12.80
N GLY A 30 5.51 13.74 -11.76
CA GLY A 30 6.38 14.79 -11.26
C GLY A 30 5.58 15.75 -10.41
N ALA A 31 6.09 16.96 -10.33
CA ALA A 31 5.43 18.02 -9.51
C ALA A 31 4.06 18.40 -10.04
N LEU A 32 3.77 18.13 -11.31
CA LEU A 32 2.45 18.28 -11.89
C LEU A 32 1.44 17.24 -11.48
N GLY A 33 1.88 16.05 -11.05
CA GLY A 33 0.96 14.98 -10.61
C GLY A 33 0.48 15.18 -9.16
N GLY A 34 -0.33 14.23 -8.75
CA GLY A 34 -0.89 14.20 -7.34
C GLY A 34 -2.36 13.80 -7.44
N ASP A 35 -2.73 12.74 -6.76
CA ASP A 35 -4.11 12.26 -6.85
C ASP A 35 -5.00 13.04 -5.91
N VAL A 36 -6.28 12.95 -6.15
CA VAL A 36 -7.27 13.60 -5.22
C VAL A 36 -7.25 12.79 -3.91
N TYR A 37 -7.36 13.48 -2.80
CA TYR A 37 -7.49 12.76 -1.50
C TYR A 37 -8.34 13.50 -0.49
N LEU A 38 -8.73 12.72 0.55
CA LEU A 38 -9.55 13.24 1.67
C LEU A 38 -8.61 13.76 2.74
N GLY A 39 -8.85 15.02 3.12
CA GLY A 39 -7.97 15.61 4.12
C GLY A 39 -8.61 16.54 5.07
N LYS A 40 -7.93 16.87 6.14
CA LYS A 40 -8.44 17.85 7.11
C LYS A 40 -8.42 19.25 6.58
N SER A 41 -9.54 19.96 6.74
CA SER A 41 -9.58 21.38 6.30
C SER A 41 -8.90 22.24 7.40
N PRO A 42 -8.14 23.27 7.02
CA PRO A 42 -7.42 24.04 8.05
C PRO A 42 -8.40 24.66 9.11
N ASN A 43 -8.04 24.54 10.39
CA ASN A 43 -8.89 25.08 11.50
C ASN A 43 -10.41 25.00 11.21
N SER A 44 -10.88 23.76 10.96
CA SER A 44 -12.28 23.39 10.64
C SER A 44 -12.91 22.97 11.97
N ASP A 45 -14.21 23.18 12.14
CA ASP A 45 -14.86 22.57 13.34
C ASP A 45 -15.49 21.16 13.06
N ALA A 46 -15.28 20.60 11.84
CA ALA A 46 -15.81 19.26 11.50
C ALA A 46 -15.14 18.20 12.42
N PRO A 47 -15.92 17.18 12.88
CA PRO A 47 -15.42 16.07 13.72
C PRO A 47 -14.68 14.98 12.92
N CYS A 48 -14.59 15.15 11.59
CA CYS A 48 -13.96 14.16 10.72
C CYS A 48 -13.27 15.01 9.62
N ALA A 49 -12.30 14.43 8.88
CA ALA A 49 -11.73 15.10 7.69
C ALA A 49 -12.84 15.49 6.73
N ASN A 50 -12.86 16.74 6.32
CA ASN A 50 -13.97 17.20 5.42
C ASN A 50 -13.54 18.01 4.21
N GLY A 51 -12.24 17.89 3.88
CA GLY A 51 -11.65 18.56 2.73
C GLY A 51 -11.40 17.62 1.59
N VAL A 52 -11.60 18.16 0.39
CA VAL A 52 -11.24 17.47 -0.85
C VAL A 52 -10.02 18.19 -1.41
N PHE A 53 -8.85 17.52 -1.37
CA PHE A 53 -7.58 18.08 -1.88
C PHE A 53 -7.00 17.23 -3.06
N ARG A 54 -5.85 17.63 -3.67
CA ARG A 54 -5.03 16.63 -4.37
C ARG A 54 -3.62 16.87 -3.90
N TYR A 55 -2.83 15.83 -3.93
CA TYR A 55 -1.47 15.95 -3.50
C TYR A 55 -0.65 16.92 -4.39
N ASN A 56 0.46 17.39 -3.88
CA ASN A 56 1.28 18.42 -4.52
C ASN A 56 2.24 17.87 -5.56
N SER A 57 2.32 16.55 -5.61
CA SER A 57 3.16 15.90 -6.63
C SER A 57 2.86 14.40 -6.63
N ASP A 58 3.48 13.64 -7.52
CA ASP A 58 3.14 12.23 -7.49
C ASP A 58 4.20 11.41 -6.76
N VAL A 59 5.06 12.12 -6.07
CA VAL A 59 6.06 11.46 -5.27
C VAL A 59 5.58 11.68 -3.86
N GLY A 60 4.86 10.66 -3.39
CA GLY A 60 3.90 10.81 -2.33
C GLY A 60 2.93 9.64 -2.36
N PRO A 61 2.00 9.62 -1.42
CA PRO A 61 1.03 8.55 -1.52
C PRO A 61 0.02 8.66 -2.64
N SER A 62 -0.68 7.55 -2.86
CA SER A 62 -1.72 7.49 -3.86
C SER A 62 -2.91 8.06 -3.12
N GLY A 63 -3.85 8.45 -3.94
CA GLY A 63 -5.05 9.19 -3.42
C GLY A 63 -6.08 8.31 -2.76
N THR A 64 -7.16 8.93 -2.37
CA THR A 64 -8.25 8.20 -1.67
C THR A 64 -9.25 7.73 -2.73
N PRO A 65 -9.54 6.42 -2.77
CA PRO A 65 -10.44 5.84 -3.85
C PRO A 65 -11.87 6.51 -3.67
N VAL A 66 -12.52 6.68 -4.79
CA VAL A 66 -13.93 7.18 -4.80
C VAL A 66 -14.85 6.18 -5.54
N ARG A 67 -16.16 6.28 -5.29
CA ARG A 67 -17.06 5.65 -6.17
C ARG A 67 -18.02 6.72 -6.66
N PHE A 68 -18.66 6.47 -7.82
CA PHE A 68 -19.63 7.40 -8.45
C PHE A 68 -21.02 6.79 -8.41
N ILE A 69 -22.00 7.53 -7.94
CA ILE A 69 -23.33 7.00 -7.69
C ILE A 69 -24.29 7.80 -8.60
N GLY A 70 -24.76 7.20 -9.68
CA GLY A 70 -25.70 7.93 -10.60
C GLY A 70 -27.06 8.21 -9.97
N SER A 71 -27.75 9.26 -10.43
CA SER A 71 -29.17 9.49 -10.00
C SER A 71 -30.11 8.33 -10.37
N SER A 72 -31.32 8.41 -9.81
CA SER A 72 -32.46 7.49 -10.12
C SER A 72 -32.86 7.42 -11.60
N SER A 73 -32.25 8.27 -12.41
CA SER A 73 -32.59 8.39 -13.83
C SER A 73 -31.56 7.67 -14.69
N HIS A 74 -32.03 6.81 -15.60
CA HIS A 74 -31.14 6.03 -16.48
C HIS A 74 -30.21 5.17 -15.67
N PHE A 75 -29.26 5.85 -14.99
CA PHE A 75 -28.13 5.19 -14.37
C PHE A 75 -27.30 4.51 -15.49
N GLY A 76 -27.91 3.49 -16.14
CA GLY A 76 -27.47 2.93 -17.44
C GLY A 76 -26.40 1.85 -17.41
N GLN A 77 -26.25 1.21 -16.25
CA GLN A 77 -25.24 0.17 -16.01
C GLN A 77 -23.87 0.68 -15.61
N GLY A 78 -23.26 1.49 -16.48
CA GLY A 78 -21.96 2.15 -16.23
C GLY A 78 -22.21 3.60 -15.81
N ILE A 79 -21.17 4.41 -15.90
CA ILE A 79 -21.19 5.84 -15.55
C ILE A 79 -20.93 6.52 -16.90
N PHE A 80 -21.80 7.44 -17.30
CA PHE A 80 -21.78 8.09 -18.61
C PHE A 80 -21.41 9.58 -18.48
N GLU A 81 -20.81 10.12 -19.52
CA GLU A 81 -20.54 11.56 -19.52
C GLU A 81 -21.84 12.38 -19.40
N ASP A 82 -21.70 13.48 -18.70
CA ASP A 82 -22.79 14.42 -18.63
C ASP A 82 -23.96 13.92 -17.84
N GLU A 83 -23.85 12.83 -17.11
CA GLU A 83 -25.01 12.43 -16.28
CA GLU A 83 -24.99 12.43 -16.28
C GLU A 83 -24.78 12.79 -14.81
N LEU A 84 -25.83 13.26 -14.15
CA LEU A 84 -25.68 13.66 -12.77
C LEU A 84 -25.38 12.51 -11.83
N LEU A 85 -24.45 12.75 -10.92
CA LEU A 85 -24.05 11.74 -9.96
C LEU A 85 -23.60 12.35 -8.65
N ASN A 86 -23.53 11.52 -7.60
CA ASN A 86 -22.87 11.88 -6.36
C ASN A 86 -21.49 11.21 -6.33
N ILE A 87 -20.55 11.84 -5.59
CA ILE A 87 -19.24 11.29 -5.48
C ILE A 87 -18.97 10.96 -4.04
N GLN A 88 -18.38 9.78 -3.76
CA GLN A 88 -18.15 9.36 -2.40
C GLN A 88 -16.81 8.74 -2.27
N PHE A 89 -16.03 9.16 -1.30
CA PHE A 89 -14.76 8.38 -1.06
C PHE A 89 -15.11 7.02 -0.50
N ALA A 90 -14.47 6.00 -1.06
CA ALA A 90 -14.89 4.62 -0.95
C ALA A 90 -13.90 4.08 0.02
N ILE A 91 -14.08 4.44 1.28
CA ILE A 91 -13.21 4.01 2.38
C ILE A 91 -14.03 3.62 3.63
N SER A 92 -13.45 2.80 4.48
CA SER A 92 -14.00 2.54 5.83
C SER A 92 -13.81 3.75 6.77
N THR A 93 -14.86 4.09 7.55
CA THR A 93 -14.73 5.13 8.56
C THR A 93 -15.51 4.64 9.76
N SER A 94 -15.47 5.41 10.82
CA SER A 94 -16.34 5.16 11.97
C SER A 94 -17.74 5.55 11.50
N LYS A 95 -18.70 5.03 12.23
CA LYS A 95 -20.08 5.36 12.03
C LYS A 95 -20.33 6.87 11.97
N MET A 96 -19.79 7.63 12.91
CA MET A 96 -20.04 9.07 12.88
C MET A 96 -19.50 9.82 11.66
N CYS A 97 -18.44 9.29 11.03
CA CYS A 97 -17.85 9.93 9.83
C CYS A 97 -18.33 9.49 8.48
N VAL A 98 -19.33 8.60 8.44
CA VAL A 98 -19.82 8.12 7.10
C VAL A 98 -20.24 9.27 6.21
N SER A 99 -20.97 10.28 6.73
CA SER A 99 -21.39 11.46 5.91
C SER A 99 -20.20 12.17 5.30
N TYR A 100 -19.11 12.19 6.10
CA TYR A 100 -17.84 12.83 5.67
C TYR A 100 -16.95 11.99 4.73
N THR A 101 -17.54 10.98 4.07
CA THR A 101 -17.00 10.45 2.84
C THR A 101 -17.71 11.03 1.58
N ILE A 102 -18.86 11.62 1.77
CA ILE A 102 -19.72 12.05 0.63
C ILE A 102 -19.43 13.51 0.23
N TRP A 103 -19.09 13.71 -1.04
CA TRP A 103 -18.65 15.04 -1.51
C TRP A 103 -19.80 16.01 -1.51
N LYS A 104 -19.53 17.25 -1.16
CA LYS A 104 -20.54 18.31 -1.28
C LYS A 104 -19.74 19.60 -1.59
N VAL A 105 -20.48 20.63 -1.92
CA VAL A 105 -19.85 21.95 -2.15
C VAL A 105 -20.00 22.78 -0.90
N GLY A 106 -18.88 23.29 -0.37
CA GLY A 106 -18.95 24.10 0.84
C GLY A 106 -19.53 25.49 0.64
N ASP A 107 -19.69 26.19 1.76
CA ASP A 107 -20.14 27.58 1.66
C ASP A 107 -19.09 28.51 1.05
N TYR A 108 -19.53 29.69 0.61
CA TYR A 108 -18.50 30.61 0.00
C TYR A 108 -17.41 30.88 1.04
N ASP A 109 -16.12 30.88 0.66
CA ASP A 109 -15.02 31.07 1.60
C ASP A 109 -14.36 32.40 1.27
N ALA A 110 -14.45 33.39 2.15
CA ALA A 110 -14.03 34.74 1.80
C ALA A 110 -12.50 34.81 1.66
N SER A 111 -11.77 33.90 2.27
CA SER A 111 -10.30 33.84 2.16
C SER A 111 -9.83 33.48 0.74
N LEU A 112 -10.69 32.80 -0.01
CA LEU A 112 -10.33 32.23 -1.33
C LEU A 112 -11.25 32.64 -2.46
N GLY A 113 -12.35 33.34 -2.14
CA GLY A 113 -13.21 33.91 -3.18
C GLY A 113 -14.00 32.89 -3.96
N THR A 114 -14.22 31.71 -3.37
CA THR A 114 -14.99 30.67 -4.04
C THR A 114 -15.53 29.66 -3.00
N MET A 115 -16.23 28.63 -3.49
CA MET A 115 -16.73 27.53 -2.69
C MET A 115 -15.79 26.40 -2.81
N LEU A 116 -15.44 25.84 -1.66
CA LEU A 116 -14.47 24.73 -1.69
C LEU A 116 -15.16 23.40 -1.70
N LEU A 117 -14.54 22.34 -2.25
CA LEU A 117 -15.12 21.00 -2.13
C LEU A 117 -14.85 20.44 -0.74
N GLU A 118 -15.88 19.84 -0.17
CA GLU A 118 -15.83 19.35 1.22
C GLU A 118 -16.46 17.91 1.18
N THR A 119 -16.46 17.24 2.36
CA THR A 119 -17.37 16.11 2.48
C THR A 119 -18.35 16.44 3.58
N GLY A 120 -19.28 15.53 3.83
CA GLY A 120 -20.40 15.83 4.77
C GLY A 120 -21.71 15.95 4.02
N GLY A 121 -21.76 15.51 2.77
CA GLY A 121 -22.99 15.59 1.95
C GLY A 121 -23.94 14.41 2.08
N THR A 122 -24.90 14.34 1.17
CA THR A 122 -25.87 13.23 1.15
C THR A 122 -25.89 12.67 -0.30
N ILE A 123 -26.54 11.52 -0.46
CA ILE A 123 -26.56 10.84 -1.73
C ILE A 123 -28.03 10.73 -2.10
N GLY A 124 -28.34 10.96 -3.38
CA GLY A 124 -29.64 10.62 -3.91
C GLY A 124 -30.77 11.53 -3.44
N GLN A 125 -30.45 12.69 -2.86
CA GLN A 125 -31.52 13.50 -2.30
C GLN A 125 -31.56 14.87 -2.91
N ALA A 126 -32.59 15.65 -2.53
CA ALA A 126 -32.67 16.97 -3.17
C ALA A 126 -31.65 17.94 -2.57
N ASP A 127 -31.07 17.58 -1.43
CA ASP A 127 -30.09 18.47 -0.83
C ASP A 127 -28.70 17.89 -1.15
N SER A 128 -28.61 16.85 -2.00
CA SER A 128 -27.26 16.29 -2.32
C SER A 128 -26.53 17.21 -3.31
N SER A 129 -25.20 17.22 -3.25
CA SER A 129 -24.39 17.88 -4.32
C SER A 129 -24.19 16.89 -5.54
N TRP A 130 -24.68 17.34 -6.69
CA TRP A 130 -24.68 16.58 -7.95
C TRP A 130 -23.54 17.08 -8.78
N PHE A 131 -22.78 16.14 -9.29
CA PHE A 131 -21.65 16.48 -10.14
C PHE A 131 -21.86 15.81 -11.48
N LYS A 132 -21.06 16.15 -12.50
CA LYS A 132 -21.11 15.28 -13.70
C LYS A 132 -19.69 15.27 -14.24
N ILE A 133 -19.40 14.24 -15.03
CA ILE A 133 -18.04 14.09 -15.60
C ILE A 133 -18.16 14.44 -17.08
N VAL A 134 -17.26 15.24 -17.58
CA VAL A 134 -17.30 15.61 -19.02
C VAL A 134 -15.92 15.49 -19.55
N LYS A 135 -15.82 15.31 -20.86
CA LYS A 135 -14.51 15.28 -21.51
C LYS A 135 -13.86 16.67 -21.42
N SER A 136 -12.61 16.72 -21.02
CA SER A 136 -11.80 17.91 -20.98
C SER A 136 -11.58 18.39 -22.39
N SER A 137 -11.44 19.70 -22.53
CA SER A 137 -11.01 20.29 -23.84
C SER A 137 -9.51 20.11 -24.03
N GLN A 138 -8.80 19.69 -22.98
CA GLN A 138 -7.32 19.46 -23.05
C GLN A 138 -7.08 17.95 -23.05
N PHE A 139 -7.12 17.34 -21.87
CA PHE A 139 -6.92 15.91 -21.79
C PHE A 139 -7.65 15.35 -20.60
N GLY A 140 -8.12 14.13 -20.77
CA GLY A 140 -8.78 13.46 -19.65
C GLY A 140 -10.17 14.05 -19.54
N TYR A 141 -10.63 14.16 -18.29
CA TYR A 141 -11.98 14.57 -17.95
C TYR A 141 -11.97 15.74 -16.98
N ASN A 142 -13.08 16.46 -16.85
CA ASN A 142 -13.28 17.43 -15.81
C ASN A 142 -14.53 17.01 -15.00
N LEU A 143 -14.55 17.38 -13.75
CA LEU A 143 -15.75 17.21 -12.90
C LEU A 143 -16.45 18.61 -12.86
N LEU A 144 -17.74 18.60 -13.04
CA LEU A 144 -18.50 19.85 -12.98
C LEU A 144 -19.50 19.70 -11.84
N TYR A 145 -19.77 20.81 -11.17
CA TYR A 145 -20.85 20.83 -10.11
C TYR A 145 -22.15 21.42 -10.72
N CYS A 146 -23.25 20.69 -10.54
CA CYS A 146 -24.55 21.06 -11.17
C CYS A 146 -25.53 21.39 -10.04
N PRO A 147 -25.56 22.69 -9.59
CA PRO A 147 -26.55 22.98 -8.54
C PRO A 147 -27.97 22.81 -9.11
N VAL A 148 -28.82 22.24 -8.28
CA VAL A 148 -30.25 21.89 -8.44
C VAL A 148 -30.65 20.78 -9.41
N ASP A 154 -21.45 22.07 -19.67
CA ASP A 154 -20.69 23.14 -20.35
C ASP A 154 -21.03 24.63 -19.94
N GLN A 155 -22.08 25.31 -20.37
CA GLN A 155 -22.18 26.74 -19.89
C GLN A 155 -22.86 26.86 -18.52
N PHE A 156 -23.36 25.71 -18.03
CA PHE A 156 -24.26 25.76 -16.90
C PHE A 156 -23.56 25.23 -15.66
N CYS A 157 -23.16 23.97 -15.68
CA CYS A 157 -22.57 23.47 -14.45
C CYS A 157 -21.19 24.11 -14.26
N LEU A 158 -20.69 24.09 -13.02
CA LEU A 158 -19.56 24.97 -12.65
C LEU A 158 -18.32 24.07 -12.58
N LYS A 159 -17.21 24.48 -13.23
CA LYS A 159 -16.00 23.64 -13.19
C LYS A 159 -15.42 23.41 -11.79
N VAL A 160 -14.90 22.21 -11.56
CA VAL A 160 -14.11 21.96 -10.41
C VAL A 160 -12.64 22.16 -10.83
N GLY A 161 -11.94 22.99 -10.02
CA GLY A 161 -10.57 23.31 -10.24
C GLY A 161 -9.87 23.25 -8.88
N VAL A 162 -8.71 23.90 -8.79
CA VAL A 162 -7.91 23.98 -7.58
C VAL A 162 -7.60 25.43 -7.24
N VAL A 163 -7.71 25.72 -5.94
CA VAL A 163 -7.15 26.93 -5.41
C VAL A 163 -6.14 26.54 -4.34
N HIS A 164 -5.24 27.45 -4.05
CA HIS A 164 -4.17 27.12 -3.08
C HIS A 164 -4.51 27.61 -1.73
N GLN A 165 -4.50 26.70 -0.82
CA GLN A 165 -4.96 26.95 0.52
C GLN A 165 -3.92 26.46 1.49
N ASN A 166 -3.33 27.40 2.22
CA ASN A 166 -2.26 27.05 3.14
C ASN A 166 -1.18 26.11 2.57
N GLY A 167 -0.79 26.34 1.32
CA GLY A 167 0.24 25.53 0.67
C GLY A 167 -0.28 24.19 0.16
N LYS A 168 -1.59 23.99 0.12
CA LYS A 168 -2.12 22.71 -0.45
C LYS A 168 -2.99 23.02 -1.67
N ARG A 169 -3.16 22.01 -2.51
CA ARG A 169 -4.09 22.09 -3.60
C ARG A 169 -5.48 21.67 -3.12
N ARG A 170 -6.41 22.64 -3.04
CA ARG A 170 -7.71 22.34 -2.49
C ARG A 170 -8.70 22.38 -3.69
N LEU A 171 -9.51 21.34 -3.88
CA LEU A 171 -10.46 21.39 -4.99
C LEU A 171 -11.58 22.41 -4.61
N ALA A 172 -12.04 23.08 -5.65
CA ALA A 172 -12.97 24.23 -5.41
C ALA A 172 -13.66 24.52 -6.74
N LEU A 173 -14.72 25.36 -6.72
CA LEU A 173 -15.39 25.82 -7.95
C LEU A 173 -14.54 26.92 -8.62
N VAL A 174 -14.28 26.83 -9.94
CA VAL A 174 -13.42 27.79 -10.61
C VAL A 174 -14.18 28.28 -11.85
N LYS A 175 -13.78 29.44 -12.41
CA LYS A 175 -14.37 29.84 -13.65
C LYS A 175 -13.54 29.36 -14.86
N ASP A 176 -12.23 29.22 -14.70
CA ASP A 176 -11.33 28.88 -15.80
C ASP A 176 -10.34 27.86 -15.23
N ASN A 177 -9.66 27.14 -16.10
CA ASN A 177 -8.62 26.21 -15.67
C ASN A 177 -9.17 25.07 -14.75
N PRO A 178 -10.13 24.31 -15.28
CA PRO A 178 -10.65 23.12 -14.54
C PRO A 178 -9.50 22.05 -14.37
N LEU A 179 -9.62 21.29 -13.32
CA LEU A 179 -8.71 20.24 -13.06
C LEU A 179 -8.95 19.08 -14.07
N ASP A 180 -7.89 18.71 -14.80
CA ASP A 180 -7.97 17.62 -15.78
C ASP A 180 -7.65 16.32 -15.06
N VAL A 181 -8.53 15.35 -15.11
CA VAL A 181 -8.28 14.12 -14.36
C VAL A 181 -8.45 12.87 -15.18
N SER A 182 -7.90 11.77 -14.68
CA SER A 182 -8.19 10.41 -15.20
C SER A 182 -8.63 9.55 -14.05
N PHE A 183 -9.16 8.35 -14.32
CA PHE A 183 -9.70 7.49 -13.25
C PHE A 183 -8.96 6.17 -13.31
N LYS A 184 -8.45 5.73 -12.19
CA LYS A 184 -7.60 4.53 -12.22
C LYS A 184 -8.28 3.57 -11.23
N GLN A 185 -8.69 2.39 -11.73
CA GLN A 185 -9.38 1.42 -10.86
C GLN A 185 -8.54 0.98 -9.67
N VAL A 186 -9.13 0.88 -8.48
CA VAL A 186 -8.44 0.35 -7.33
C VAL A 186 -8.17 -1.17 -7.47
N GLN A 187 -7.00 -1.58 -6.99
CA GLN A 187 -6.28 -2.92 -7.05
C GLN A 187 -5.48 -3.10 -8.34
N ASP B 4 -12.12 -34.00 -21.70
CA ASP B 4 -12.50 -33.97 -20.27
C ASP B 4 -11.55 -33.24 -19.38
N ALA B 5 -10.51 -32.63 -19.94
CA ALA B 5 -9.58 -31.90 -19.05
C ALA B 5 -10.29 -30.66 -18.44
N THR B 6 -10.14 -30.45 -17.14
CA THR B 6 -10.88 -29.47 -16.33
C THR B 6 -9.98 -28.26 -16.21
N PRO B 7 -10.46 -27.09 -16.68
CA PRO B 7 -9.64 -25.85 -16.56
C PRO B 7 -9.55 -25.52 -15.05
N VAL B 8 -8.40 -24.98 -14.66
CA VAL B 8 -8.28 -24.41 -13.31
C VAL B 8 -9.04 -23.03 -13.44
N LEU B 9 -9.77 -22.66 -12.38
CA LEU B 9 -10.65 -21.39 -12.46
C LEU B 9 -10.07 -20.36 -11.52
N ASP B 10 -10.06 -19.10 -11.93
CA ASP B 10 -9.80 -18.02 -10.95
C ASP B 10 -11.04 -17.78 -10.03
N VAL B 11 -10.97 -16.79 -9.13
CA VAL B 11 -12.04 -16.64 -8.12
C VAL B 11 -13.35 -16.13 -8.75
N THR B 12 -13.33 -15.80 -10.05
CA THR B 12 -14.54 -15.34 -10.75
C THR B 12 -15.13 -16.46 -11.63
N GLY B 13 -14.45 -17.62 -11.68
CA GLY B 13 -14.98 -18.79 -12.39
C GLY B 13 -14.40 -18.90 -13.79
N LYS B 14 -13.40 -18.05 -14.07
CA LYS B 14 -12.80 -17.96 -15.45
C LYS B 14 -11.54 -18.81 -15.53
N GLU B 15 -11.43 -19.62 -16.58
CA GLU B 15 -10.26 -20.46 -16.82
C GLU B 15 -8.98 -19.66 -16.76
N LEU B 16 -7.91 -20.16 -16.10
CA LEU B 16 -6.66 -19.42 -16.05
C LEU B 16 -6.03 -19.45 -17.47
N ASP B 17 -5.35 -18.37 -17.75
CA ASP B 17 -4.84 -18.06 -19.15
C ASP B 17 -3.35 -17.77 -18.93
N PRO B 18 -2.48 -18.47 -19.67
CA PRO B 18 -1.05 -18.15 -19.61
C PRO B 18 -0.69 -16.71 -20.05
N ARG B 19 -1.58 -16.03 -20.75
CA ARG B 19 -1.36 -14.57 -21.13
C ARG B 19 -1.61 -13.55 -20.02
N LEU B 20 -2.21 -14.01 -18.92
CA LEU B 20 -2.53 -13.16 -17.76
C LEU B 20 -1.70 -13.42 -16.53
N SER B 21 -1.88 -12.58 -15.49
CA SER B 21 -1.09 -12.67 -14.26
C SER B 21 -2.08 -12.88 -13.14
N TYR B 22 -1.68 -13.60 -12.12
CA TYR B 22 -2.61 -13.92 -10.98
C TYR B 22 -1.88 -13.78 -9.65
N ARG B 23 -2.64 -13.37 -8.62
CA ARG B 23 -2.16 -13.57 -7.25
C ARG B 23 -2.65 -14.95 -6.78
N ILE B 24 -1.80 -15.61 -6.00
CA ILE B 24 -2.14 -16.87 -5.42
C ILE B 24 -2.55 -16.54 -4.02
N ILE B 25 -3.85 -16.64 -3.80
CA ILE B 25 -4.44 -16.07 -2.50
C ILE B 25 -4.91 -17.22 -1.64
N SER B 26 -5.03 -16.98 -0.35
CA SER B 26 -5.60 -17.94 0.54
C SER B 26 -7.10 -18.08 0.29
N THR B 27 -7.59 -19.27 0.66
CA THR B 27 -9.04 -19.52 0.60
C THR B 27 -9.71 -19.09 1.93
N PHE B 28 -8.89 -18.79 2.95
CA PHE B 28 -9.38 -18.43 4.29
C PHE B 28 -9.20 -16.90 4.49
N TRP B 29 -9.35 -16.36 5.68
CA TRP B 29 -9.40 -14.91 5.78
C TRP B 29 -8.68 -14.51 7.03
N GLY B 30 -8.54 -13.19 7.20
CA GLY B 30 -7.93 -12.58 8.38
C GLY B 30 -6.50 -13.10 8.52
N ALA B 31 -6.11 -13.47 9.73
CA ALA B 31 -4.77 -14.02 9.97
C ALA B 31 -4.49 -15.33 9.30
N LEU B 32 -5.51 -16.06 8.80
CA LEU B 32 -5.22 -17.28 8.05
C LEU B 32 -5.00 -16.93 6.55
N GLY B 33 -5.45 -15.75 6.14
CA GLY B 33 -5.23 -15.25 4.75
C GLY B 33 -3.77 -14.77 4.58
N GLY B 34 -3.41 -14.47 3.35
CA GLY B 34 -2.09 -13.97 3.02
C GLY B 34 -1.67 -14.53 1.68
N ASP B 35 -1.49 -13.63 0.74
CA ASP B 35 -1.10 -14.03 -0.63
C ASP B 35 0.40 -14.43 -0.72
N VAL B 36 0.70 -15.28 -1.72
CA VAL B 36 2.12 -15.69 -2.01
C VAL B 36 2.88 -14.42 -2.49
N TYR B 37 4.13 -14.30 -2.07
CA TYR B 37 4.97 -13.22 -2.53
C TYR B 37 6.42 -13.59 -2.62
N LEU B 38 7.14 -12.80 -3.39
CA LEU B 38 8.61 -12.88 -3.50
C LEU B 38 9.34 -12.05 -2.46
N GLY B 39 10.18 -12.71 -1.66
CA GLY B 39 10.95 -11.95 -0.68
C GLY B 39 12.36 -12.44 -0.52
N LYS B 40 13.16 -11.77 0.31
CA LYS B 40 14.56 -12.23 0.48
C LYS B 40 14.55 -13.37 1.48
N SER B 41 15.24 -14.48 1.18
CA SER B 41 15.28 -15.64 2.09
C SER B 41 16.46 -15.60 3.03
N PRO B 42 16.25 -16.02 4.30
CA PRO B 42 17.30 -16.20 5.29
C PRO B 42 18.49 -17.03 4.77
N ASN B 43 19.69 -16.50 5.02
CA ASN B 43 20.92 -17.23 4.73
C ASN B 43 21.09 -17.74 3.28
N SER B 44 20.66 -16.91 2.32
CA SER B 44 20.85 -17.16 0.90
C SER B 44 21.98 -16.27 0.42
N ASP B 45 22.77 -16.77 -0.53
CA ASP B 45 23.71 -15.87 -1.22
C ASP B 45 23.30 -15.60 -2.69
N ALA B 46 22.01 -15.75 -3.03
CA ALA B 46 21.46 -15.28 -4.34
C ALA B 46 21.69 -13.76 -4.55
N PRO B 47 21.97 -13.31 -5.81
CA PRO B 47 22.17 -11.84 -5.95
C PRO B 47 20.86 -11.06 -6.05
N CYS B 48 19.73 -11.74 -5.77
CA CYS B 48 18.40 -11.20 -5.95
C CYS B 48 17.50 -11.86 -4.93
N ALA B 49 16.33 -11.27 -4.65
CA ALA B 49 15.33 -11.97 -3.81
C ALA B 49 15.02 -13.34 -4.41
N ASN B 50 15.03 -14.37 -3.59
CA ASN B 50 14.83 -15.69 -4.16
C ASN B 50 13.93 -16.59 -3.26
N GLY B 51 13.17 -15.99 -2.34
CA GLY B 51 12.36 -16.82 -1.43
C GLY B 51 10.90 -16.70 -1.82
N VAL B 52 10.16 -17.81 -1.71
CA VAL B 52 8.74 -17.82 -2.00
C VAL B 52 8.04 -17.97 -0.63
N PHE B 53 7.29 -16.93 -0.27
CA PHE B 53 6.58 -16.77 0.98
C PHE B 53 5.09 -16.55 0.73
N ARG B 54 4.30 -16.60 1.81
CA ARG B 54 2.97 -15.93 1.79
C ARG B 54 2.84 -14.98 3.00
N TYR B 55 2.01 -13.96 2.88
CA TYR B 55 1.82 -13.05 3.98
C TYR B 55 1.14 -13.66 5.21
N ASN B 56 1.27 -12.95 6.32
CA ASN B 56 0.71 -13.35 7.59
C ASN B 56 -0.72 -12.92 7.78
N SER B 57 -1.30 -12.19 6.85
CA SER B 57 -2.75 -11.93 6.92
C SER B 57 -3.16 -11.50 5.55
N ASP B 58 -4.46 -11.31 5.33
CA ASP B 58 -4.96 -10.72 4.13
C ASP B 58 -5.27 -9.22 4.22
N VAL B 59 -4.78 -8.52 5.24
CA VAL B 59 -5.12 -7.10 5.56
C VAL B 59 -3.98 -6.20 5.05
N GLY B 60 -2.81 -6.78 4.74
CA GLY B 60 -1.61 -6.01 4.46
C GLY B 60 -1.44 -5.99 2.95
N PRO B 61 -0.18 -6.16 2.46
CA PRO B 61 0.14 -6.06 0.99
C PRO B 61 -0.48 -7.21 0.26
N SER B 62 -0.82 -6.98 -1.02
CA SER B 62 -1.31 -8.06 -1.84
C SER B 62 -0.08 -8.82 -2.41
N GLY B 63 -0.31 -10.01 -2.95
CA GLY B 63 0.80 -10.89 -3.33
C GLY B 63 1.50 -10.45 -4.61
N THR B 64 2.62 -11.13 -4.91
CA THR B 64 3.36 -10.86 -6.14
C THR B 64 2.65 -11.61 -7.25
N PRO B 65 2.29 -10.92 -8.38
CA PRO B 65 1.61 -11.61 -9.48
C PRO B 65 2.45 -12.77 -9.97
N VAL B 66 1.78 -13.81 -10.44
CA VAL B 66 2.41 -14.99 -10.98
C VAL B 66 1.83 -15.28 -12.39
N ARG B 67 2.65 -15.86 -13.28
CA ARG B 67 2.09 -16.47 -14.50
C ARG B 67 2.31 -17.98 -14.49
N PHE B 68 1.51 -18.72 -15.28
CA PHE B 68 1.65 -20.17 -15.37
C PHE B 68 2.04 -20.49 -16.81
N ILE B 69 3.13 -21.26 -16.96
CA ILE B 69 3.66 -21.59 -18.28
C ILE B 69 3.53 -23.08 -18.49
N GLY B 70 2.65 -23.45 -19.41
CA GLY B 70 2.28 -24.87 -19.60
C GLY B 70 3.39 -25.64 -20.28
N SER B 71 3.34 -26.98 -20.22
CA SER B 71 4.39 -27.85 -20.75
C SER B 71 4.51 -27.86 -22.29
N SER B 72 3.47 -27.40 -23.01
CA SER B 72 3.42 -27.31 -24.49
C SER B 72 2.50 -28.45 -24.98
N SER B 73 2.42 -29.44 -24.11
CA SER B 73 1.49 -30.54 -24.21
C SER B 73 0.04 -30.09 -24.48
N HIS B 74 -0.58 -29.61 -23.40
CA HIS B 74 -2.02 -29.39 -23.33
C HIS B 74 -2.57 -28.38 -24.29
N PHE B 75 -3.88 -28.18 -24.14
CA PHE B 75 -4.61 -27.16 -24.87
C PHE B 75 -4.03 -25.81 -24.41
N GLY B 76 -3.22 -25.20 -25.27
CA GLY B 76 -2.62 -23.86 -25.04
C GLY B 76 -3.69 -22.82 -24.82
N GLN B 77 -3.30 -21.60 -24.49
CA GLN B 77 -4.29 -20.55 -24.12
C GLN B 77 -5.11 -20.82 -22.84
N GLY B 78 -5.06 -22.05 -22.28
CA GLY B 78 -5.65 -22.30 -20.92
C GLY B 78 -4.82 -23.20 -20.04
N ILE B 79 -5.06 -23.08 -18.72
CA ILE B 79 -4.36 -23.84 -17.72
C ILE B 79 -5.32 -24.89 -17.14
N PHE B 80 -4.92 -26.18 -17.18
CA PHE B 80 -5.81 -27.27 -16.75
C PHE B 80 -5.35 -28.02 -15.51
N GLU B 81 -6.33 -28.57 -14.78
CA GLU B 81 -5.98 -29.36 -13.58
C GLU B 81 -5.04 -30.51 -14.05
N ASP B 82 -4.03 -30.79 -13.24
CA ASP B 82 -3.15 -31.96 -13.46
CA ASP B 82 -3.13 -31.93 -13.45
C ASP B 82 -2.13 -31.75 -14.60
N GLU B 83 -2.10 -30.57 -15.19
CA GLU B 83 -1.14 -30.27 -16.28
C GLU B 83 0.19 -29.79 -15.69
N LEU B 84 1.31 -30.37 -16.15
CA LEU B 84 2.57 -29.89 -15.64
C LEU B 84 2.89 -28.51 -16.19
N LEU B 85 3.42 -27.64 -15.33
CA LEU B 85 3.72 -26.26 -15.67
C LEU B 85 4.88 -25.69 -14.82
N ASN B 86 5.46 -24.62 -15.32
CA ASN B 86 6.37 -23.81 -14.58
C ASN B 86 5.60 -22.61 -14.06
N ILE B 87 6.05 -22.14 -12.92
CA ILE B 87 5.49 -20.94 -12.29
C ILE B 87 6.53 -19.79 -12.23
N GLN B 88 6.09 -18.58 -12.58
CA GLN B 88 7.06 -17.47 -12.59
C GLN B 88 6.41 -16.23 -12.02
N PHE B 89 7.10 -15.50 -11.13
CA PHE B 89 6.58 -14.17 -10.74
C PHE B 89 6.56 -13.25 -11.93
N ALA B 90 5.43 -12.58 -12.12
CA ALA B 90 5.21 -11.80 -13.35
C ALA B 90 5.47 -10.36 -12.98
N ILE B 91 6.77 -9.99 -12.86
CA ILE B 91 7.17 -8.67 -12.39
C ILE B 91 8.34 -8.19 -13.22
N SER B 92 8.56 -6.88 -13.23
CA SER B 92 9.80 -6.32 -13.80
C SER B 92 10.94 -6.53 -12.85
N THR B 93 12.09 -6.94 -13.39
CA THR B 93 13.27 -7.03 -12.55
C THR B 93 14.45 -6.49 -13.38
N SER B 94 15.60 -6.30 -12.76
CA SER B 94 16.84 -6.07 -13.49
C SER B 94 17.08 -7.34 -14.31
N LYS B 95 17.92 -7.22 -15.31
CA LYS B 95 18.30 -8.37 -16.11
C LYS B 95 18.89 -9.56 -15.30
N MET B 96 19.92 -9.24 -14.49
CA MET B 96 20.55 -10.26 -13.64
C MET B 96 19.54 -11.03 -12.80
N CYS B 97 18.31 -10.49 -12.53
CA CYS B 97 17.36 -11.14 -11.68
C CYS B 97 16.25 -11.90 -12.39
N VAL B 98 16.24 -11.93 -13.73
CA VAL B 98 15.14 -12.61 -14.42
C VAL B 98 14.98 -14.08 -13.98
N SER B 99 16.09 -14.85 -13.91
CA SER B 99 15.87 -16.22 -13.43
C SER B 99 15.33 -16.23 -12.01
N TYR B 100 15.60 -15.17 -11.26
CA TYR B 100 15.15 -15.03 -9.91
C TYR B 100 13.66 -14.65 -9.80
N THR B 101 12.93 -14.77 -10.92
CA THR B 101 11.44 -14.75 -10.90
C THR B 101 10.85 -16.16 -11.07
N ILE B 102 11.65 -17.13 -11.53
CA ILE B 102 11.14 -18.44 -11.96
C ILE B 102 11.20 -19.35 -10.75
N TRP B 103 10.07 -19.93 -10.40
CA TRP B 103 10.04 -20.83 -9.21
C TRP B 103 10.81 -22.12 -9.36
N LYS B 104 11.41 -22.53 -8.25
CA LYS B 104 12.07 -23.84 -8.19
C LYS B 104 12.10 -24.31 -6.72
N VAL B 105 12.43 -25.56 -6.52
CA VAL B 105 12.57 -26.10 -5.19
C VAL B 105 14.00 -26.00 -4.76
N GLY B 106 14.21 -25.36 -3.62
CA GLY B 106 15.53 -25.06 -3.10
C GLY B 106 16.04 -26.20 -2.25
N ASP B 107 17.16 -25.93 -1.56
CA ASP B 107 17.83 -26.96 -0.81
C ASP B 107 16.96 -27.41 0.37
N TYR B 108 17.25 -28.62 0.80
CA TYR B 108 16.73 -29.11 2.07
C TYR B 108 17.33 -28.22 3.15
N ASP B 109 16.49 -27.77 4.07
CA ASP B 109 16.97 -26.98 5.16
C ASP B 109 16.87 -27.78 6.45
N ALA B 110 18.03 -28.16 7.04
CA ALA B 110 18.06 -28.94 8.28
C ALA B 110 17.23 -28.41 9.46
N SER B 111 17.18 -27.09 9.60
CA SER B 111 16.58 -26.53 10.76
C SER B 111 15.02 -26.64 10.62
N LEU B 112 14.54 -26.73 9.38
CA LEU B 112 13.10 -26.72 9.12
C LEU B 112 12.60 -28.09 8.67
N GLY B 113 13.52 -28.98 8.26
CA GLY B 113 13.22 -30.39 7.95
C GLY B 113 12.66 -30.67 6.55
N THR B 114 12.79 -29.71 5.65
CA THR B 114 12.30 -29.89 4.30
C THR B 114 12.91 -28.92 3.30
N MET B 115 12.53 -29.10 2.04
CA MET B 115 13.00 -28.28 1.00
C MET B 115 12.08 -27.12 0.90
N LEU B 116 12.69 -25.96 0.71
CA LEU B 116 11.92 -24.74 0.66
C LEU B 116 11.75 -24.24 -0.75
N LEU B 117 10.63 -23.62 -1.07
CA LEU B 117 10.50 -23.04 -2.39
C LEU B 117 11.33 -21.77 -2.59
N GLU B 118 11.97 -21.61 -3.76
CA GLU B 118 12.75 -20.41 -4.12
C GLU B 118 12.50 -19.99 -5.53
N THR B 119 13.22 -18.97 -5.95
CA THR B 119 13.31 -18.62 -7.36
C THR B 119 14.76 -18.82 -7.79
N GLY B 120 14.96 -18.71 -9.10
CA GLY B 120 16.31 -18.96 -9.70
C GLY B 120 16.27 -20.23 -10.52
N GLY B 121 15.08 -20.68 -10.91
CA GLY B 121 14.92 -21.85 -11.79
C GLY B 121 14.86 -21.52 -13.28
N THR B 122 14.42 -22.52 -14.07
CA THR B 122 14.35 -22.43 -15.54
C THR B 122 12.93 -22.84 -15.97
N ILE B 123 12.59 -22.50 -17.21
CA ILE B 123 11.28 -22.76 -17.79
C ILE B 123 11.50 -23.70 -18.96
N GLY B 124 10.79 -24.82 -18.95
CA GLY B 124 10.60 -25.63 -20.12
C GLY B 124 11.75 -26.56 -20.42
N GLN B 125 12.54 -26.92 -19.41
CA GLN B 125 13.69 -27.79 -19.62
C GLN B 125 13.76 -28.87 -18.57
N ALA B 126 14.76 -29.74 -18.77
CA ALA B 126 14.93 -30.94 -17.93
C ALA B 126 15.35 -30.57 -16.52
N ASP B 127 16.12 -29.48 -16.39
CA ASP B 127 16.44 -28.88 -15.06
C ASP B 127 15.40 -27.88 -14.48
N SER B 128 14.28 -27.66 -15.17
CA SER B 128 13.16 -26.86 -14.58
C SER B 128 12.32 -27.59 -13.50
N SER B 129 11.72 -26.82 -12.59
CA SER B 129 10.87 -27.38 -11.57
C SER B 129 9.47 -27.39 -12.15
N TRP B 130 8.92 -28.58 -12.32
CA TRP B 130 7.57 -28.71 -12.79
C TRP B 130 6.58 -28.83 -11.66
N PHE B 131 5.45 -28.07 -11.76
CA PHE B 131 4.37 -28.15 -10.75
C PHE B 131 3.07 -28.51 -11.45
N LYS B 132 2.05 -28.94 -10.68
CA LYS B 132 0.68 -29.24 -11.20
C LYS B 132 -0.28 -28.57 -10.25
N ILE B 133 -1.42 -28.15 -10.80
CA ILE B 133 -2.51 -27.56 -9.99
C ILE B 133 -3.58 -28.58 -9.91
N VAL B 134 -4.04 -28.91 -8.69
CA VAL B 134 -5.10 -29.92 -8.57
C VAL B 134 -6.15 -29.40 -7.64
N LYS B 135 -7.40 -29.91 -7.75
CA LYS B 135 -8.47 -29.50 -6.75
C LYS B 135 -8.18 -30.03 -5.37
N SER B 136 -8.24 -29.18 -4.37
CA SER B 136 -7.96 -29.69 -3.02
C SER B 136 -9.16 -30.44 -2.44
N SER B 137 -8.91 -31.18 -1.36
CA SER B 137 -10.02 -31.74 -0.56
C SER B 137 -10.66 -30.71 0.36
N GLN B 138 -10.19 -29.49 0.29
CA GLN B 138 -10.80 -28.38 1.04
C GLN B 138 -11.49 -27.38 0.13
N PHE B 139 -11.16 -26.08 0.17
CA PHE B 139 -11.86 -25.10 -0.61
C PHE B 139 -11.41 -24.90 -2.12
N GLY B 140 -10.13 -24.82 -2.27
CA GLY B 140 -9.64 -24.30 -3.61
C GLY B 140 -8.77 -25.35 -4.24
N TYR B 141 -7.53 -24.97 -4.57
CA TYR B 141 -6.57 -25.86 -5.23
C TYR B 141 -5.36 -26.10 -4.37
N ASN B 142 -4.64 -27.15 -4.71
CA ASN B 142 -3.29 -27.34 -4.19
C ASN B 142 -2.27 -27.26 -5.35
N LEU B 143 -1.05 -26.93 -5.00
CA LEU B 143 0.11 -27.00 -5.93
C LEU B 143 0.92 -28.26 -5.52
N LEU B 144 1.27 -29.08 -6.55
CA LEU B 144 2.11 -30.26 -6.39
C LEU B 144 3.39 -30.03 -7.11
N TYR B 145 4.53 -30.44 -6.51
CA TYR B 145 5.83 -30.42 -7.23
C TYR B 145 6.09 -31.81 -7.79
N CYS B 146 6.46 -31.88 -9.08
CA CYS B 146 6.69 -33.19 -9.75
C CYS B 146 8.15 -33.27 -10.24
N PRO B 147 9.03 -33.97 -9.47
CA PRO B 147 10.46 -34.04 -9.88
C PRO B 147 10.72 -34.85 -11.13
N VAL B 148 11.80 -34.47 -11.83
CA VAL B 148 12.52 -35.32 -12.85
C VAL B 148 11.64 -36.19 -13.76
N PHE B 156 4.24 -39.90 -7.21
CA PHE B 156 5.37 -39.17 -7.79
C PHE B 156 5.45 -37.59 -7.76
N CYS B 157 4.50 -36.94 -7.08
CA CYS B 157 4.58 -35.52 -6.89
C CYS B 157 4.42 -35.27 -5.36
N LEU B 158 4.90 -34.12 -4.88
CA LEU B 158 4.96 -33.86 -3.45
C LEU B 158 4.11 -32.63 -3.24
N LYS B 159 3.39 -32.56 -2.13
CA LYS B 159 2.51 -31.39 -1.91
C LYS B 159 3.31 -30.12 -1.55
N VAL B 160 2.83 -28.95 -1.99
CA VAL B 160 3.39 -27.67 -1.53
C VAL B 160 2.52 -27.18 -0.35
N GLY B 161 3.20 -26.83 0.73
CA GLY B 161 2.54 -26.31 1.94
C GLY B 161 3.41 -25.18 2.46
N VAL B 162 3.40 -25.00 3.77
CA VAL B 162 4.09 -23.89 4.41
C VAL B 162 4.77 -24.35 5.67
N VAL B 163 6.01 -23.90 5.84
CA VAL B 163 6.71 -24.06 7.07
C VAL B 163 6.96 -22.66 7.68
N HIS B 164 7.09 -22.56 9.00
CA HIS B 164 7.30 -21.24 9.61
C HIS B 164 8.77 -20.98 9.78
N GLN B 165 9.25 -19.90 9.20
CA GLN B 165 10.67 -19.63 9.18
C GLN B 165 10.87 -18.24 9.75
N ASN B 166 11.53 -18.14 10.90
CA ASN B 166 11.87 -16.79 11.39
C ASN B 166 10.57 -15.95 11.45
N GLY B 167 9.44 -16.54 11.84
CA GLY B 167 8.18 -15.81 11.97
C GLY B 167 7.39 -15.57 10.69
N LYS B 168 7.91 -16.07 9.59
CA LYS B 168 7.30 -15.94 8.24
C LYS B 168 6.76 -17.27 7.70
N ARG B 169 5.79 -17.18 6.80
CA ARG B 169 5.29 -18.37 6.10
C ARG B 169 6.09 -18.65 4.83
N ARG B 170 7.00 -19.61 4.85
CA ARG B 170 7.75 -19.93 3.68
C ARG B 170 7.11 -21.10 2.98
N LEU B 171 6.86 -21.00 1.68
CA LEU B 171 6.30 -22.15 0.95
C LEU B 171 7.35 -23.25 0.92
N ALA B 172 6.91 -24.52 0.97
CA ALA B 172 7.87 -25.66 1.13
C ALA B 172 7.21 -26.92 0.71
N LEU B 173 7.96 -28.01 0.55
CA LEU B 173 7.29 -29.26 0.26
C LEU B 173 6.82 -29.86 1.60
N VAL B 174 5.63 -30.44 1.67
CA VAL B 174 5.16 -30.99 2.95
C VAL B 174 4.58 -32.37 2.73
N LYS B 175 4.61 -33.16 3.80
CA LYS B 175 3.98 -34.49 3.78
C LYS B 175 2.44 -34.40 3.87
N ASP B 176 1.95 -33.41 4.59
CA ASP B 176 0.51 -33.27 4.76
C ASP B 176 0.13 -31.80 4.94
N ASN B 177 -1.16 -31.53 5.07
CA ASN B 177 -1.62 -30.13 5.07
C ASN B 177 -1.09 -29.25 3.97
N PRO B 178 -1.42 -29.60 2.72
CA PRO B 178 -0.99 -28.72 1.65
C PRO B 178 -1.69 -27.33 1.73
N LEU B 179 -1.05 -26.34 1.15
CA LEU B 179 -1.62 -24.97 1.18
C LEU B 179 -2.83 -24.95 0.25
N ASP B 180 -4.00 -24.54 0.75
CA ASP B 180 -5.17 -24.36 -0.13
CA ASP B 180 -5.20 -24.34 -0.05
C ASP B 180 -5.13 -22.95 -0.68
N VAL B 181 -5.23 -22.83 -2.03
CA VAL B 181 -5.13 -21.57 -2.71
C VAL B 181 -6.25 -21.30 -3.74
N SER B 182 -6.47 -20.00 -4.05
CA SER B 182 -7.31 -19.62 -5.18
C SER B 182 -6.48 -18.63 -5.97
N PHE B 183 -6.91 -18.31 -7.18
CA PHE B 183 -6.15 -17.46 -8.07
C PHE B 183 -7.04 -16.24 -8.40
N LYS B 184 -6.44 -15.06 -8.28
CA LYS B 184 -7.17 -13.80 -8.46
C LYS B 184 -6.42 -13.02 -9.54
N GLN B 185 -7.12 -12.76 -10.63
CA GLN B 185 -6.46 -12.10 -11.80
C GLN B 185 -5.95 -10.69 -11.47
N VAL B 186 -4.74 -10.38 -11.94
CA VAL B 186 -4.16 -9.07 -11.74
C VAL B 186 -4.65 -8.26 -12.95
N GLN B 187 -5.06 -7.04 -12.69
CA GLN B 187 -5.59 -6.12 -13.71
C GLN B 187 -4.61 -5.74 -14.84
N ALA C 5 0.72 26.07 8.99
CA ALA C 5 1.54 24.80 9.21
C ALA C 5 2.67 25.01 10.24
N THR C 6 2.90 24.02 11.11
CA THR C 6 3.84 24.16 12.23
C THR C 6 5.07 23.26 12.00
N PRO C 7 6.29 23.86 11.84
CA PRO C 7 7.50 23.08 11.79
C PRO C 7 7.65 22.18 13.03
N VAL C 8 8.04 20.90 12.81
CA VAL C 8 8.58 20.09 13.91
C VAL C 8 9.95 20.68 14.38
N LEU C 9 10.16 20.76 15.70
CA LEU C 9 11.39 21.31 16.32
C LEU C 9 12.26 20.25 16.96
N ASP C 10 13.59 20.40 16.78
CA ASP C 10 14.56 19.62 17.54
C ASP C 10 14.68 20.08 19.02
N VAL C 11 15.51 19.39 19.81
CA VAL C 11 15.52 19.71 21.25
C VAL C 11 16.05 21.12 21.58
N THR C 12 16.62 21.77 20.58
CA THR C 12 17.25 23.10 20.71
C THR C 12 16.24 24.11 20.21
N GLY C 13 15.08 23.65 19.79
CA GLY C 13 14.06 24.53 19.21
C GLY C 13 14.28 24.98 17.77
N LYS C 14 15.17 24.31 17.04
CA LYS C 14 15.44 24.68 15.67
C LYS C 14 14.66 23.79 14.78
N GLU C 15 14.16 24.26 13.66
CA GLU C 15 13.29 23.38 12.89
C GLU C 15 13.98 22.13 12.28
N LEU C 16 13.26 21.00 12.16
CA LEU C 16 13.83 19.81 11.43
C LEU C 16 14.07 20.09 9.93
N ASP C 17 15.19 19.66 9.40
CA ASP C 17 15.63 20.00 8.02
C ASP C 17 15.95 18.64 7.39
N PRO C 18 15.41 18.37 6.16
CA PRO C 18 15.59 17.10 5.45
C PRO C 18 17.04 16.91 5.15
N ARG C 19 17.80 17.98 5.14
CA ARG C 19 19.19 17.90 4.74
C ARG C 19 20.10 17.44 5.92
N LEU C 20 19.52 17.40 7.11
CA LEU C 20 20.24 17.06 8.33
C LEU C 20 19.86 15.68 8.82
N SER C 21 20.45 15.20 9.91
CA SER C 21 20.03 13.95 10.53
CA SER C 21 19.95 13.99 10.53
C SER C 21 19.85 14.17 12.04
N TYR C 22 19.09 13.27 12.66
CA TYR C 22 18.64 13.38 14.06
C TYR C 22 18.70 12.03 14.72
N ARG C 23 18.90 12.02 16.04
CA ARG C 23 18.66 10.86 16.87
C ARG C 23 17.25 11.10 17.45
N ILE C 24 16.47 10.04 17.38
CA ILE C 24 15.10 10.03 17.96
C ILE C 24 15.28 9.53 19.39
N ILE C 25 15.12 10.46 20.32
CA ILE C 25 15.45 10.19 21.74
C ILE C 25 14.14 10.20 22.53
N SER C 26 14.18 9.64 23.74
CA SER C 26 13.04 9.69 24.64
C SER C 26 12.79 11.16 25.11
N THR C 27 11.55 11.67 25.14
CA THR C 27 11.37 13.02 25.70
C THR C 27 11.73 13.04 27.19
N PHE C 28 11.44 11.92 27.84
CA PHE C 28 11.59 11.67 29.27
C PHE C 28 12.89 10.94 29.64
N TRP C 29 13.64 11.60 30.53
CA TRP C 29 14.72 11.02 31.33
C TRP C 29 14.24 9.86 32.17
N GLY C 30 15.19 9.09 32.70
CA GLY C 30 14.87 8.04 33.66
C GLY C 30 14.38 6.79 32.93
N ALA C 31 13.33 6.16 33.48
CA ALA C 31 12.86 4.79 33.04
C ALA C 31 12.56 4.69 31.57
N LEU C 32 11.90 5.71 31.06
CA LEU C 32 11.61 5.77 29.67
C LEU C 32 12.82 6.06 28.73
N GLY C 33 14.02 6.39 29.24
CA GLY C 33 15.10 6.76 28.30
C GLY C 33 15.50 5.64 27.42
N GLY C 34 15.94 5.96 26.21
CA GLY C 34 16.54 5.03 25.30
C GLY C 34 16.32 5.47 23.86
N ASP C 35 17.42 5.77 23.15
CA ASP C 35 17.33 6.21 21.72
C ASP C 35 16.86 5.12 20.75
N VAL C 36 16.22 5.51 19.69
CA VAL C 36 15.86 4.53 18.67
C VAL C 36 17.11 4.13 17.87
N TYR C 37 17.22 2.84 17.52
CA TYR C 37 18.39 2.43 16.76
C TYR C 37 17.97 1.29 15.80
N LEU C 38 18.86 1.05 14.84
CA LEU C 38 18.77 -0.07 13.85
C LEU C 38 19.42 -1.31 14.45
N GLY C 39 18.62 -2.35 14.61
CA GLY C 39 19.14 -3.60 15.25
C GLY C 39 18.70 -4.85 14.52
N LYS C 40 19.40 -5.96 14.80
CA LYS C 40 19.04 -7.24 14.19
C LYS C 40 17.81 -7.83 14.89
N SER C 41 16.89 -8.39 14.07
CA SER C 41 15.65 -9.03 14.56
C SER C 41 16.06 -10.34 15.19
N PRO C 42 15.37 -10.74 16.25
CA PRO C 42 15.89 -11.94 16.92
C PRO C 42 15.80 -13.14 15.96
N ASN C 43 16.88 -13.95 15.95
CA ASN C 43 17.09 -15.13 15.06
C ASN C 43 16.89 -14.87 13.54
N SER C 44 17.39 -13.72 13.07
CA SER C 44 16.94 -13.06 11.84
C SER C 44 17.36 -13.66 10.48
N ASP C 45 16.90 -12.99 9.39
CA ASP C 45 16.88 -13.54 8.01
C ASP C 45 17.75 -12.89 6.89
N ALA C 46 18.14 -11.61 7.08
CA ALA C 46 19.31 -11.05 6.37
C ALA C 46 20.58 -11.24 7.24
N PRO C 47 21.80 -11.05 6.65
CA PRO C 47 22.94 -10.68 7.50
C PRO C 47 22.93 -9.17 7.79
N CYS C 48 21.82 -8.49 7.44
CA CYS C 48 21.62 -7.03 7.67
C CYS C 48 20.66 -6.77 8.83
N ALA C 49 21.00 -5.82 9.72
CA ALA C 49 19.97 -5.35 10.71
C ALA C 49 18.74 -4.81 9.93
N ASN C 50 17.56 -5.26 10.33
CA ASN C 50 16.33 -4.69 9.71
C ASN C 50 15.22 -4.43 10.73
N GLY C 51 15.56 -4.27 12.01
CA GLY C 51 14.52 -3.90 13.00
C GLY C 51 14.73 -2.49 13.52
N VAL C 52 13.63 -1.84 13.91
CA VAL C 52 13.72 -0.52 14.51
C VAL C 52 13.42 -0.78 16.01
N PHE C 53 14.43 -0.56 16.86
CA PHE C 53 14.33 -0.87 18.31
C PHE C 53 14.56 0.42 19.03
N ARG C 54 14.55 0.34 20.33
CA ARG C 54 15.18 1.45 21.09
C ARG C 54 15.84 0.94 22.32
N TYR C 55 16.88 1.68 22.75
CA TYR C 55 17.69 1.26 23.86
C TYR C 55 17.00 1.30 25.22
N ASN C 56 17.70 0.76 26.21
CA ASN C 56 17.19 0.60 27.57
C ASN C 56 17.52 1.72 28.54
N SER C 57 18.42 2.64 28.21
CA SER C 57 18.56 3.81 29.08
C SER C 57 18.92 4.99 28.18
N ASP C 58 18.79 6.21 28.70
CA ASP C 58 19.26 7.32 27.81
C ASP C 58 20.75 7.59 27.96
N VAL C 59 21.48 6.89 28.87
CA VAL C 59 22.90 7.16 29.01
C VAL C 59 23.56 6.78 27.69
N GLY C 60 23.09 5.67 27.13
CA GLY C 60 23.61 5.20 25.82
C GLY C 60 23.11 3.77 25.57
N PRO C 61 23.58 3.15 24.45
CA PRO C 61 24.38 3.86 23.39
C PRO C 61 23.61 5.01 22.67
N SER C 62 24.30 5.79 21.78
CA SER C 62 23.51 6.82 21.09
C SER C 62 22.73 6.19 19.96
N GLY C 63 21.60 6.78 19.66
CA GLY C 63 20.68 6.23 18.62
C GLY C 63 21.35 6.31 17.22
N THR C 64 20.78 5.53 16.30
CA THR C 64 21.21 5.58 14.91
C THR C 64 20.67 6.84 14.28
N PRO C 65 21.51 7.69 13.64
CA PRO C 65 20.95 8.85 12.92
C PRO C 65 19.80 8.53 11.96
N VAL C 66 18.79 9.44 11.89
CA VAL C 66 17.68 9.28 10.95
C VAL C 66 17.52 10.57 10.18
N ARG C 67 17.02 10.46 8.96
CA ARG C 67 16.54 11.62 8.23
C ARG C 67 15.06 11.45 7.90
N PHE C 68 14.42 12.59 7.68
CA PHE C 68 13.00 12.62 7.40
C PHE C 68 12.87 13.17 5.97
N ILE C 69 12.11 12.43 5.17
CA ILE C 69 12.00 12.73 3.73
C ILE C 69 10.53 13.09 3.51
N GLY C 70 10.28 14.39 3.32
CA GLY C 70 8.92 14.80 3.27
C GLY C 70 8.25 14.41 1.95
N SER C 71 6.94 14.26 1.96
CA SER C 71 6.20 14.16 0.71
C SER C 71 6.15 15.60 0.29
N SER C 72 5.57 15.88 -0.87
CA SER C 72 5.58 17.30 -1.30
C SER C 72 4.53 18.13 -0.54
N SER C 73 3.85 17.53 0.45
CA SER C 73 2.97 18.33 1.35
C SER C 73 3.80 19.22 2.28
N HIS C 74 5.11 18.95 2.36
CA HIS C 74 6.03 19.78 3.14
C HIS C 74 6.55 20.95 2.32
N PHE C 75 6.57 22.15 2.90
CA PHE C 75 7.08 23.31 2.17
C PHE C 75 8.61 23.38 2.21
N GLY C 76 9.23 23.34 1.02
CA GLY C 76 10.65 23.68 0.88
C GLY C 76 11.56 22.82 1.73
N GLN C 77 12.44 23.46 2.50
CA GLN C 77 13.36 22.68 3.34
C GLN C 77 12.92 22.54 4.82
N GLY C 78 11.58 22.51 5.04
CA GLY C 78 11.02 22.21 6.38
C GLY C 78 10.34 20.82 6.50
N ILE C 79 10.26 20.33 7.72
CA ILE C 79 9.45 19.17 8.03
C ILE C 79 8.34 19.68 9.01
N PHE C 80 7.06 19.53 8.62
CA PHE C 80 5.89 20.06 9.37
C PHE C 80 5.15 18.99 10.10
N GLU C 81 4.58 19.41 11.25
CA GLU C 81 3.72 18.51 11.98
C GLU C 81 2.57 18.08 11.04
N ASP C 82 2.23 16.81 11.19
CA ASP C 82 1.04 16.23 10.62
C ASP C 82 1.11 16.04 9.10
N GLU C 83 2.28 16.05 8.53
CA GLU C 83 2.39 15.95 7.05
C GLU C 83 3.20 14.69 6.79
N LEU C 84 2.76 13.97 5.74
CA LEU C 84 3.29 12.60 5.53
C LEU C 84 4.76 12.67 5.07
N LEU C 85 5.52 11.67 5.56
CA LEU C 85 6.93 11.64 5.26
C LEU C 85 7.40 10.18 5.29
N ASN C 86 8.59 9.93 4.74
CA ASN C 86 9.26 8.64 4.97
C ASN C 86 10.38 8.87 5.98
N ILE C 87 10.86 7.82 6.66
CA ILE C 87 11.90 7.89 7.65
C ILE C 87 12.97 6.87 7.20
N GLN C 88 14.22 7.33 7.28
CA GLN C 88 15.33 6.43 6.87
C GLN C 88 16.51 6.58 7.83
N PHE C 89 17.18 5.46 8.18
CA PHE C 89 18.38 5.68 8.96
C PHE C 89 19.47 6.28 8.03
N ALA C 90 20.14 7.33 8.47
CA ALA C 90 21.06 8.14 7.65
C ALA C 90 22.48 7.72 8.02
N ILE C 91 22.82 6.51 7.60
CA ILE C 91 24.15 5.92 7.83
C ILE C 91 24.69 5.32 6.52
N SER C 92 26.02 5.26 6.40
CA SER C 92 26.63 4.54 5.33
C SER C 92 26.55 3.05 5.67
N THR C 93 26.38 2.23 4.67
CA THR C 93 26.26 0.77 4.95
C THR C 93 27.20 -0.06 4.03
N SER C 94 27.31 -1.37 4.32
CA SER C 94 27.90 -2.29 3.34
C SER C 94 27.06 -2.20 2.02
N LYS C 95 27.62 -2.64 0.88
CA LYS C 95 26.74 -2.79 -0.31
C LYS C 95 25.56 -3.74 -0.09
N MET C 96 25.83 -4.89 0.56
CA MET C 96 24.82 -5.91 0.85
C MET C 96 23.64 -5.30 1.61
N CYS C 97 23.92 -4.37 2.54
CA CYS C 97 22.85 -3.80 3.42
C CYS C 97 22.27 -2.44 3.03
N VAL C 98 22.66 -1.96 1.85
CA VAL C 98 22.19 -0.62 1.40
C VAL C 98 20.69 -0.55 1.38
N SER C 99 20.03 -1.68 1.12
CA SER C 99 18.56 -1.64 1.06
C SER C 99 17.85 -1.96 2.36
N TYR C 100 18.54 -1.78 3.51
CA TYR C 100 17.94 -1.95 4.86
C TYR C 100 18.07 -0.70 5.72
N THR C 101 17.83 0.49 5.13
CA THR C 101 17.90 1.69 5.98
C THR C 101 16.52 2.36 6.07
N ILE C 102 15.68 2.14 5.05
CA ILE C 102 14.42 2.88 4.90
C ILE C 102 13.37 2.18 5.76
N TRP C 103 12.73 2.97 6.62
CA TRP C 103 11.73 2.38 7.57
C TRP C 103 10.53 1.92 6.79
N LYS C 104 9.99 0.78 7.27
CA LYS C 104 8.68 0.27 6.79
C LYS C 104 7.94 -0.38 7.96
N VAL C 105 6.68 -0.60 7.76
CA VAL C 105 5.88 -1.37 8.70
C VAL C 105 5.91 -2.82 8.25
N GLY C 106 6.25 -3.71 9.15
CA GLY C 106 6.43 -5.17 8.84
C GLY C 106 5.06 -5.86 8.75
N ASP C 107 5.10 -7.17 8.49
CA ASP C 107 3.87 -7.92 8.35
C ASP C 107 3.29 -8.10 9.74
N TYR C 108 2.03 -8.54 9.75
CA TYR C 108 1.40 -8.89 11.06
C TYR C 108 2.20 -9.93 11.85
N ASP C 109 2.36 -9.74 13.17
CA ASP C 109 3.00 -10.73 14.00
C ASP C 109 1.94 -11.22 14.95
N ALA C 110 1.40 -12.42 14.74
CA ALA C 110 0.22 -12.89 15.43
C ALA C 110 0.45 -12.98 16.95
N SER C 111 1.66 -13.39 17.35
CA SER C 111 1.96 -13.53 18.78
C SER C 111 1.91 -12.19 19.54
N LEU C 112 2.31 -11.10 18.87
CA LEU C 112 2.41 -9.77 19.48
C LEU C 112 1.18 -8.99 19.16
N GLY C 113 0.36 -9.49 18.22
CA GLY C 113 -0.86 -8.81 17.80
C GLY C 113 -0.66 -7.48 17.14
N THR C 114 0.44 -7.27 16.40
CA THR C 114 0.70 -6.00 15.85
C THR C 114 1.70 -6.16 14.69
N MET C 115 1.99 -5.02 14.07
CA MET C 115 3.06 -4.98 13.01
C MET C 115 4.23 -4.29 13.57
N LEU C 116 5.43 -4.90 13.43
CA LEU C 116 6.65 -4.27 13.92
C LEU C 116 7.30 -3.33 12.93
N LEU C 117 7.94 -2.25 13.40
CA LEU C 117 8.72 -1.43 12.46
C LEU C 117 10.05 -2.09 12.06
N GLU C 118 10.36 -2.08 10.75
CA GLU C 118 11.50 -2.76 10.16
C GLU C 118 12.11 -1.81 9.12
N THR C 119 13.22 -2.22 8.57
CA THR C 119 13.79 -1.47 7.46
C THR C 119 13.64 -2.29 6.14
N GLY C 120 14.02 -1.69 5.02
CA GLY C 120 13.70 -2.37 3.75
C GLY C 120 12.61 -1.80 2.89
N GLY C 121 12.04 -0.66 3.28
CA GLY C 121 11.00 0.01 2.50
C GLY C 121 11.56 0.86 1.38
N THR C 122 10.65 1.59 0.72
CA THR C 122 10.97 2.49 -0.37
C THR C 122 10.67 3.92 0.07
N ILE C 123 11.15 4.87 -0.70
CA ILE C 123 10.83 6.31 -0.47
C ILE C 123 10.00 6.89 -1.62
N GLY C 124 9.01 7.71 -1.29
CA GLY C 124 8.33 8.52 -2.30
C GLY C 124 7.43 7.78 -3.26
N GLN C 125 6.91 6.62 -2.84
CA GLN C 125 6.08 5.82 -3.72
C GLN C 125 4.77 5.48 -3.04
N ALA C 126 3.82 4.96 -3.80
CA ALA C 126 2.48 4.65 -3.23
C ALA C 126 2.57 3.47 -2.27
N ASP C 127 3.59 2.65 -2.51
CA ASP C 127 3.90 1.50 -1.70
C ASP C 127 4.91 1.76 -0.52
N SER C 128 5.41 3.00 -0.40
CA SER C 128 6.23 3.35 0.78
C SER C 128 5.40 3.41 2.04
N SER C 129 6.09 3.28 3.16
CA SER C 129 5.49 3.42 4.45
C SER C 129 5.55 4.92 4.76
N TRP C 130 4.36 5.53 4.86
CA TRP C 130 4.20 6.94 5.18
C TRP C 130 3.93 7.15 6.65
N PHE C 131 4.67 8.07 7.30
CA PHE C 131 4.48 8.33 8.74
C PHE C 131 4.25 9.83 8.90
N LYS C 132 3.92 10.28 10.11
CA LYS C 132 3.71 11.72 10.31
C LYS C 132 4.20 11.96 11.66
N ILE C 133 4.54 13.21 11.94
CA ILE C 133 5.01 13.58 13.34
C ILE C 133 4.00 14.56 13.91
N VAL C 134 3.40 14.23 15.09
CA VAL C 134 2.37 15.11 15.70
C VAL C 134 2.79 15.45 17.11
N LYS C 135 2.34 16.59 17.61
CA LYS C 135 2.67 16.98 18.98
C LYS C 135 2.05 15.97 19.98
N SER C 136 2.79 15.52 20.97
CA SER C 136 2.20 14.61 21.98
C SER C 136 1.32 15.43 22.94
N SER C 137 0.44 14.77 23.67
CA SER C 137 -0.34 15.51 24.69
C SER C 137 0.47 15.98 25.91
N GLN C 138 1.76 15.60 26.02
CA GLN C 138 2.61 16.01 27.15
C GLN C 138 3.71 16.90 26.67
N PHE C 139 4.84 16.26 26.35
CA PHE C 139 6.00 16.97 25.88
C PHE C 139 6.39 16.20 24.63
N GLY C 140 7.13 16.87 23.78
CA GLY C 140 7.63 16.15 22.56
C GLY C 140 6.50 15.73 21.64
N TYR C 141 6.83 14.73 20.82
CA TYR C 141 6.06 14.38 19.64
C TYR C 141 5.72 12.88 19.65
N ASN C 142 4.77 12.45 18.84
CA ASN C 142 4.56 11.04 18.59
C ASN C 142 4.69 10.86 17.06
N LEU C 143 5.01 9.61 16.70
CA LEU C 143 5.05 9.18 15.30
C LEU C 143 3.81 8.43 15.04
N LEU C 144 3.17 8.66 13.89
CA LEU C 144 1.99 7.88 13.48
C LEU C 144 2.32 7.27 12.14
N TYR C 145 1.74 6.10 11.89
CA TYR C 145 1.93 5.43 10.60
C TYR C 145 0.62 5.60 9.89
N CYS C 146 0.66 6.02 8.63
CA CYS C 146 -0.57 6.24 7.89
C CYS C 146 -0.76 5.23 6.70
N PRO C 147 -1.47 4.15 6.92
CA PRO C 147 -1.59 3.04 5.97
C PRO C 147 -2.48 3.44 4.80
N VAL C 148 -2.26 2.77 3.67
CA VAL C 148 -2.78 3.12 2.34
C VAL C 148 -3.50 1.93 1.72
N ASP C 154 -6.35 10.20 16.10
CA ASP C 154 -6.21 10.38 14.61
C ASP C 154 -7.20 9.52 13.84
N GLN C 155 -7.87 10.10 12.85
CA GLN C 155 -8.94 9.38 12.17
C GLN C 155 -8.46 8.15 11.35
N PHE C 156 -7.30 8.26 10.70
CA PHE C 156 -6.85 7.26 9.78
C PHE C 156 -5.46 6.67 10.08
N CYS C 157 -4.72 7.31 10.97
CA CYS C 157 -3.32 6.85 11.17
C CYS C 157 -3.19 6.14 12.50
N LEU C 158 -2.10 5.34 12.65
CA LEU C 158 -1.98 4.43 13.81
C LEU C 158 -0.74 4.83 14.59
N LYS C 159 -0.82 4.76 15.91
CA LYS C 159 0.26 5.23 16.77
C LYS C 159 1.45 4.28 16.74
N VAL C 160 2.65 4.83 16.80
CA VAL C 160 3.86 4.03 17.00
C VAL C 160 4.25 3.99 18.46
N GLY C 161 4.44 2.79 19.00
CA GLY C 161 4.81 2.70 20.40
C GLY C 161 5.83 1.54 20.39
N VAL C 162 5.86 0.80 21.46
CA VAL C 162 6.93 -0.22 21.74
C VAL C 162 6.23 -1.48 22.29
N VAL C 163 6.74 -2.61 21.82
CA VAL C 163 6.38 -3.94 22.37
C VAL C 163 7.69 -4.56 22.80
N HIS C 164 7.65 -5.51 23.75
CA HIS C 164 8.90 -6.22 24.12
C HIS C 164 9.05 -7.43 23.25
N GLN C 165 10.22 -7.62 22.69
CA GLN C 165 10.47 -8.74 21.80
C GLN C 165 11.82 -9.31 22.24
N ASN C 166 11.75 -10.50 22.86
CA ASN C 166 12.97 -11.18 23.35
C ASN C 166 13.80 -10.25 24.23
N GLY C 167 13.14 -9.62 25.19
CA GLY C 167 13.69 -8.66 26.14
C GLY C 167 14.14 -7.30 25.62
N LYS C 168 13.89 -7.01 24.32
N LYS C 168 13.85 -6.97 24.36
CA LYS C 168 14.33 -5.76 23.67
CA LYS C 168 14.27 -5.68 23.89
C LYS C 168 13.11 -4.88 23.41
C LYS C 168 13.08 -4.87 23.48
N ARG C 169 13.28 -3.57 23.46
CA ARG C 169 12.17 -2.68 23.10
C ARG C 169 12.09 -2.57 21.58
N ARG C 170 11.02 -3.01 20.95
CA ARG C 170 10.88 -3.02 19.48
C ARG C 170 9.77 -2.01 19.11
N LEU C 171 10.03 -1.05 18.23
CA LEU C 171 8.93 -0.09 17.83
C LEU C 171 7.88 -0.88 17.02
N ALA C 172 6.63 -0.59 17.24
CA ALA C 172 5.55 -1.36 16.67
C ALA C 172 4.31 -0.45 16.72
N LEU C 173 3.28 -0.89 16.07
CA LEU C 173 2.01 -0.12 16.09
C LEU C 173 1.28 -0.45 17.42
N VAL C 174 0.60 0.54 17.97
CA VAL C 174 -0.07 0.37 19.29
C VAL C 174 -1.40 1.15 19.23
N LYS C 175 -2.35 0.73 20.06
CA LYS C 175 -3.67 1.39 20.22
C LYS C 175 -3.49 2.51 21.27
N ASP C 176 -2.76 2.22 22.34
CA ASP C 176 -2.53 3.19 23.40
C ASP C 176 -1.05 3.27 23.72
N ASN C 177 -0.69 4.35 24.41
CA ASN C 177 0.66 4.58 24.88
C ASN C 177 1.69 4.76 23.74
N PRO C 178 1.45 5.74 22.92
CA PRO C 178 2.51 5.94 21.92
C PRO C 178 3.82 6.37 22.59
N LEU C 179 4.93 6.14 21.87
CA LEU C 179 6.25 6.58 22.37
C LEU C 179 6.37 8.12 22.20
N ASP C 180 6.70 8.79 23.29
CA ASP C 180 6.88 10.23 23.19
C ASP C 180 8.35 10.47 22.89
N VAL C 181 8.64 11.18 21.81
CA VAL C 181 10.02 11.30 21.34
C VAL C 181 10.34 12.76 21.11
N SER C 182 11.66 13.02 21.15
CA SER C 182 12.21 14.30 20.74
C SER C 182 13.33 14.00 19.75
N PHE C 183 13.76 15.06 19.12
CA PHE C 183 14.74 14.90 18.00
C PHE C 183 15.97 15.68 18.32
N LYS C 184 17.10 15.00 18.36
CA LYS C 184 18.39 15.70 18.69
C LYS C 184 19.28 15.65 17.46
N GLN C 185 19.73 16.82 17.01
CA GLN C 185 20.47 16.91 15.70
C GLN C 185 21.81 16.16 15.85
N VAL C 186 22.09 15.38 14.83
CA VAL C 186 23.39 14.67 14.70
C VAL C 186 24.43 15.66 14.22
N GLN C 187 25.43 15.89 15.09
CA GLN C 187 26.53 16.79 14.77
C GLN C 187 27.89 16.08 15.17
#